data_4IGA
#
_entry.id   4IGA
#
_cell.length_a   52.802
_cell.length_b   92.802
_cell.length_c   31.596
_cell.angle_alpha   90.00
_cell.angle_beta   90.00
_cell.angle_gamma   90.00
#
_symmetry.space_group_name_H-M   'P 21 21 2'
#
loop_
_entity.id
_entity.type
_entity.pdbx_description
1 polymer 'Chemotaxis protein CheY'
2 polymer 'Flagellar motor switch protein FliM'
3 non-polymer 'MAGNESIUM ION'
4 non-polymer 'BERYLLIUM TRIFLUORIDE ION'
5 water water
#
loop_
_entity_poly.entity_id
_entity_poly.type
_entity_poly.pdbx_seq_one_letter_code
_entity_poly.pdbx_strand_id
1 'polypeptide(L)'
;GSHMGKRVLIVDDAAFMRMMLKDIITKAGYEVAGEATNGREAVEKYKELKPDIVTMDITMPEMNGIDAIKEIMKIDPNAK
IIVCSAMGQQAMVIEAIKAGAKDFIVKPFQPSRVVEALNKVSK
;
A
2 'polypeptide(L)' MSDVLSQEEINQLIEALMKG B
#
loop_
_chem_comp.id
_chem_comp.type
_chem_comp.name
_chem_comp.formula
BEF non-polymer 'BERYLLIUM TRIFLUORIDE ION' 'Be F3 -1'
MG non-polymer 'MAGNESIUM ION' 'Mg 2'
#
# COMPACT_ATOMS: atom_id res chain seq x y z
N LYS A 6 11.98 -2.98 10.36
CA LYS A 6 11.62 -2.02 9.32
C LYS A 6 10.31 -1.35 9.71
N ARG A 7 10.23 -0.03 9.60
CA ARG A 7 9.07 0.71 10.15
C ARG A 7 8.03 0.95 9.05
N VAL A 8 6.79 0.51 9.33
CA VAL A 8 5.69 0.55 8.33
C VAL A 8 4.58 1.53 8.71
N LEU A 9 4.08 2.33 7.73
CA LEU A 9 2.87 3.22 8.00
C LEU A 9 1.75 2.49 7.32
N ILE A 10 0.59 2.33 7.99
CA ILE A 10 -0.47 1.57 7.40
C ILE A 10 -1.55 2.60 7.01
N VAL A 11 -1.93 2.66 5.72
CA VAL A 11 -2.96 3.62 5.32
C VAL A 11 -4.22 2.96 4.83
N ASP A 12 -5.35 3.19 5.52
CA ASP A 12 -6.64 2.62 5.07
C ASP A 12 -7.72 3.31 5.87
N ASP A 13 -8.86 3.65 5.20
CA ASP A 13 -9.92 4.26 5.99
C ASP A 13 -10.74 3.30 6.87
N ALA A 14 -10.52 1.99 6.71
CA ALA A 14 -11.33 0.97 7.49
C ALA A 14 -10.57 0.61 8.74
N ALA A 15 -11.15 0.96 9.89
CA ALA A 15 -10.52 0.61 11.17
C ALA A 15 -10.17 -0.90 11.23
N PHE A 16 -11.07 -1.80 10.79
CA PHE A 16 -10.78 -3.26 10.90
C PHE A 16 -9.57 -3.71 10.07
N MET A 17 -9.49 -3.23 8.82
CA MET A 17 -8.32 -3.49 8.00
C MET A 17 -7.01 -2.98 8.64
N ARG A 18 -6.99 -1.73 9.08
CA ARG A 18 -5.81 -1.21 9.75
C ARG A 18 -5.41 -2.09 10.92
N MET A 19 -6.41 -2.51 11.72
CA MET A 19 -6.21 -3.45 12.82
C MET A 19 -5.58 -4.77 12.40
N MET A 20 -6.14 -5.45 11.38
CA MET A 20 -5.59 -6.77 10.89
C MET A 20 -4.18 -6.63 10.21
N LEU A 21 -3.96 -5.56 9.43
CA LEU A 21 -2.63 -5.32 8.84
C LEU A 21 -1.53 -5.10 9.90
N LYS A 22 -1.85 -4.28 10.90
CA LYS A 22 -0.93 -4.00 11.95
C LYS A 22 -0.56 -5.30 12.65
N ASP A 23 -1.55 -6.18 12.83
CA ASP A 23 -1.30 -7.45 13.51
C ASP A 23 -0.34 -8.34 12.68
N ILE A 24 -0.60 -8.47 11.37
CA ILE A 24 0.27 -9.22 10.48
C ILE A 24 1.68 -8.66 10.41
N ILE A 25 1.82 -7.34 10.23
CA ILE A 25 3.13 -6.70 10.12
C ILE A 25 4.04 -6.89 11.36
N THR A 26 3.48 -6.69 12.53
CA THR A 26 4.23 -6.85 13.77
C THR A 26 4.62 -8.32 13.97
N LYS A 27 3.68 -9.22 13.66
CA LYS A 27 4.00 -10.65 13.90
C LYS A 27 5.00 -11.20 12.91
N ALA A 28 5.18 -10.49 11.78
CA ALA A 28 6.16 -10.86 10.75
C ALA A 28 7.53 -10.23 11.04
N GLY A 29 7.64 -9.50 12.16
CA GLY A 29 8.92 -8.97 12.58
C GLY A 29 9.18 -7.50 12.17
N TYR A 30 8.15 -6.83 11.65
CA TYR A 30 8.29 -5.42 11.27
C TYR A 30 7.77 -4.53 12.43
N GLU A 31 8.11 -3.24 12.41
CA GLU A 31 7.61 -2.33 13.41
C GLU A 31 6.51 -1.45 12.81
N VAL A 32 5.36 -1.33 13.47
CA VAL A 32 4.31 -0.46 12.94
C VAL A 32 4.68 0.97 13.37
N ALA A 33 4.93 1.84 12.40
CA ALA A 33 5.34 3.23 12.74
C ALA A 33 4.15 4.16 13.04
N GLY A 34 3.02 3.88 12.40
CA GLY A 34 1.82 4.74 12.51
C GLY A 34 0.74 4.31 11.55
N GLU A 35 -0.37 5.03 11.59
CA GLU A 35 -1.51 4.72 10.71
C GLU A 35 -2.08 6.01 10.24
N ALA A 36 -2.67 5.98 9.04
CA ALA A 36 -3.39 7.10 8.49
C ALA A 36 -4.74 6.60 7.93
N THR A 37 -5.72 7.49 7.83
CA THR A 37 -7.06 7.04 7.48
C THR A 37 -7.57 7.63 6.15
N ASN A 38 -6.75 8.42 5.49
CA ASN A 38 -7.11 8.88 4.15
C ASN A 38 -5.83 9.40 3.50
N GLY A 39 -5.91 9.84 2.24
CA GLY A 39 -4.70 10.19 1.51
C GLY A 39 -3.90 11.40 1.97
N ARG A 40 -4.63 12.41 2.46
CA ARG A 40 -3.99 13.62 3.00
C ARG A 40 -3.20 13.28 4.27
N GLU A 41 -3.85 12.55 5.19
CA GLU A 41 -3.18 12.10 6.42
C GLU A 41 -1.94 11.24 6.09
N ALA A 42 -2.04 10.47 5.02
CA ALA A 42 -0.97 9.56 4.64
C ALA A 42 0.24 10.39 4.30
N VAL A 43 0.04 11.44 3.51
CA VAL A 43 1.17 12.30 3.17
C VAL A 43 1.70 13.00 4.41
N GLU A 44 0.78 13.46 5.27
CA GLU A 44 1.10 14.11 6.55
C GLU A 44 1.96 13.22 7.47
N LYS A 45 1.52 11.98 7.60
CA LYS A 45 2.25 10.99 8.44
C LYS A 45 3.57 10.58 7.83
N TYR A 46 3.59 10.45 6.50
CA TYR A 46 4.83 10.09 5.84
C TYR A 46 5.93 11.12 6.10
N LYS A 47 5.62 12.40 5.85
CA LYS A 47 6.51 13.52 6.24
C LYS A 47 7.02 13.39 7.69
N GLU A 48 6.08 13.27 8.63
CA GLU A 48 6.33 13.23 10.09
C GLU A 48 7.17 12.00 10.50
N LEU A 49 6.72 10.81 10.09
CA LEU A 49 7.32 9.56 10.51
C LEU A 49 8.49 9.08 9.69
N LYS A 50 8.55 9.47 8.40
CA LYS A 50 9.51 8.88 7.44
C LYS A 50 9.66 7.34 7.55
N PRO A 51 8.56 6.61 7.31
CA PRO A 51 8.63 5.16 7.41
C PRO A 51 9.48 4.53 6.30
N ASP A 52 9.95 3.31 6.54
CA ASP A 52 10.63 2.54 5.50
C ASP A 52 9.69 2.04 4.41
N ILE A 53 8.46 1.71 4.81
CA ILE A 53 7.48 1.10 3.91
C ILE A 53 6.10 1.65 4.25
N VAL A 54 5.25 1.72 3.23
CA VAL A 54 3.83 2.17 3.44
C VAL A 54 2.91 1.11 2.86
N THR A 55 1.80 0.80 3.54
CA THR A 55 0.77 -0.02 2.88
C THR A 55 -0.36 0.95 2.59
N MET A 56 -0.89 0.84 1.38
CA MET A 56 -1.78 1.88 0.84
C MET A 56 -3.08 1.33 0.30
N ASP A 57 -4.19 1.73 0.93
CA ASP A 57 -5.55 1.52 0.37
C ASP A 57 -5.77 2.49 -0.80
N ILE A 58 -6.73 2.21 -1.70
CA ILE A 58 -7.11 3.17 -2.78
C ILE A 58 -8.33 4.05 -2.42
N THR A 59 -9.43 3.40 -2.09
CA THR A 59 -10.75 4.11 -1.93
C THR A 59 -10.79 4.68 -0.54
N MET A 60 -10.68 6.01 -0.45
CA MET A 60 -10.66 6.67 0.88
C MET A 60 -11.30 7.98 0.71
N PRO A 61 -11.87 8.49 1.80
CA PRO A 61 -12.44 9.82 1.76
C PRO A 61 -11.29 10.83 1.61
N GLU A 62 -11.65 11.98 1.06
CA GLU A 62 -10.84 13.18 0.99
C GLU A 62 -9.88 13.07 -0.18
N MET A 63 -8.97 12.12 -0.08
CA MET A 63 -7.97 11.92 -1.12
C MET A 63 -7.64 10.45 -1.28
N ASN A 64 -7.79 9.94 -2.51
CA ASN A 64 -7.58 8.52 -2.70
C ASN A 64 -6.10 8.09 -2.66
N GLY A 65 -5.91 6.77 -2.71
CA GLY A 65 -4.56 6.17 -2.68
C GLY A 65 -3.66 6.58 -3.84
N ILE A 66 -4.26 6.79 -5.03
CA ILE A 66 -3.43 7.14 -6.18
C ILE A 66 -2.76 8.51 -5.95
N ASP A 67 -3.59 9.48 -5.57
CA ASP A 67 -3.11 10.82 -5.26
C ASP A 67 -2.16 10.84 -4.07
N ALA A 68 -2.43 10.02 -3.05
CA ALA A 68 -1.49 9.91 -1.88
C ALA A 68 -0.15 9.35 -2.30
N ILE A 69 -0.15 8.30 -3.15
CA ILE A 69 1.09 7.77 -3.78
C ILE A 69 1.86 8.91 -4.44
N LYS A 70 1.20 9.67 -5.32
CA LYS A 70 1.82 10.79 -6.04
C LYS A 70 2.40 11.82 -5.07
N GLU A 71 1.63 12.10 -4.02
CA GLU A 71 2.10 13.04 -2.97
C GLU A 71 3.35 12.54 -2.19
N ILE A 72 3.36 11.27 -1.77
CA ILE A 72 4.52 10.66 -1.09
C ILE A 72 5.76 10.54 -1.98
N MET A 73 5.57 10.17 -3.27
CA MET A 73 6.68 10.11 -4.23
C MET A 73 7.35 11.47 -4.37
N LYS A 74 6.55 12.53 -4.30
CA LYS A 74 7.08 13.93 -4.40
C LYS A 74 7.92 14.25 -3.17
N ILE A 75 7.35 13.91 -2.00
CA ILE A 75 8.07 14.08 -0.72
C ILE A 75 9.38 13.29 -0.74
N ASP A 76 9.31 12.08 -1.31
CA ASP A 76 10.42 11.13 -1.27
C ASP A 76 10.41 10.21 -2.51
N PRO A 77 11.25 10.50 -3.51
CA PRO A 77 11.28 9.70 -4.72
C PRO A 77 11.60 8.24 -4.48
N ASN A 78 12.20 7.92 -3.32
CA ASN A 78 12.55 6.52 -3.01
C ASN A 78 11.54 5.83 -2.06
N ALA A 79 10.37 6.42 -1.86
CA ALA A 79 9.34 5.81 -1.02
C ALA A 79 9.01 4.42 -1.54
N LYS A 80 8.70 3.51 -0.61
CA LYS A 80 8.38 2.11 -0.92
C LYS A 80 6.99 1.79 -0.51
N ILE A 81 6.11 1.70 -1.50
CA ILE A 81 4.66 1.62 -1.21
C ILE A 81 4.03 0.36 -1.81
N ILE A 82 3.32 -0.41 -0.97
CA ILE A 82 2.60 -1.59 -1.39
C ILE A 82 1.12 -1.16 -1.33
N VAL A 83 0.42 -1.34 -2.43
CA VAL A 83 -1.02 -1.11 -2.44
C VAL A 83 -1.68 -2.37 -1.90
N CYS A 84 -2.76 -2.12 -1.13
CA CYS A 84 -3.59 -3.18 -0.56
C CYS A 84 -5.05 -2.67 -0.67
N SER A 85 -5.76 -3.13 -1.72
CA SER A 85 -7.07 -2.51 -2.12
C SER A 85 -8.04 -3.50 -2.75
N ALA A 86 -9.33 -3.24 -2.57
CA ALA A 86 -10.43 -3.95 -3.24
C ALA A 86 -10.46 -3.61 -4.73
N MET A 87 -9.83 -2.49 -5.12
CA MET A 87 -9.86 -1.99 -6.51
C MET A 87 -8.76 -2.68 -7.35
N GLY A 88 -8.95 -3.99 -7.60
CA GLY A 88 -7.97 -4.81 -8.31
C GLY A 88 -8.14 -4.95 -9.81
N GLN A 89 -8.86 -4.00 -10.42
CA GLN A 89 -8.98 -3.91 -11.92
C GLN A 89 -7.62 -3.64 -12.60
N GLN A 90 -7.46 -4.11 -13.83
CA GLN A 90 -6.23 -3.84 -14.54
C GLN A 90 -5.93 -2.35 -14.52
N ALA A 91 -6.92 -1.50 -14.85
CA ALA A 91 -6.61 -0.05 -14.95
C ALA A 91 -6.17 0.56 -13.65
N MET A 92 -6.64 0.01 -12.52
CA MET A 92 -6.20 0.57 -11.23
C MET A 92 -4.77 0.10 -10.89
N VAL A 93 -4.45 -1.15 -11.23
CA VAL A 93 -3.09 -1.65 -10.96
C VAL A 93 -2.05 -0.88 -11.78
N ILE A 94 -2.40 -0.59 -13.05
CA ILE A 94 -1.56 0.15 -13.93
C ILE A 94 -1.41 1.54 -13.34
N GLU A 95 -2.51 2.16 -12.91
CA GLU A 95 -2.41 3.52 -12.42
C GLU A 95 -1.54 3.63 -11.14
N ALA A 96 -1.67 2.63 -10.27
CA ALA A 96 -0.93 2.61 -8.98
C ALA A 96 0.54 2.39 -9.22
N ILE A 97 0.85 1.46 -10.14
CA ILE A 97 2.26 1.21 -10.50
C ILE A 97 2.86 2.42 -11.22
N LYS A 98 2.13 2.99 -12.19
CA LYS A 98 2.55 4.26 -12.82
C LYS A 98 2.85 5.40 -11.82
N ALA A 99 2.04 5.50 -10.80
CA ALA A 99 2.19 6.57 -9.75
C ALA A 99 3.41 6.32 -8.88
N GLY A 100 3.89 5.07 -8.86
CA GLY A 100 5.12 4.74 -8.14
C GLY A 100 5.07 3.61 -7.10
N ALA A 101 3.92 2.94 -6.93
CA ALA A 101 3.85 1.82 -5.98
C ALA A 101 4.74 0.74 -6.50
N LYS A 102 5.23 -0.07 -5.55
CA LYS A 102 6.18 -1.17 -5.89
C LYS A 102 5.49 -2.50 -5.98
N ASP A 103 4.30 -2.62 -5.38
CA ASP A 103 3.62 -3.90 -5.34
C ASP A 103 2.12 -3.65 -5.23
N PHE A 104 1.31 -4.67 -5.50
CA PHE A 104 -0.15 -4.49 -5.41
C PHE A 104 -0.80 -5.85 -4.91
N ILE A 105 -1.58 -5.77 -3.84
CA ILE A 105 -2.27 -6.90 -3.23
C ILE A 105 -3.76 -6.55 -3.28
N VAL A 106 -4.52 -7.40 -3.95
CA VAL A 106 -5.99 -7.25 -4.01
C VAL A 106 -6.63 -7.90 -2.76
N LYS A 107 -7.64 -7.21 -2.21
CA LYS A 107 -8.54 -7.70 -1.16
C LYS A 107 -9.71 -8.52 -1.74
N PRO A 108 -10.18 -9.54 -1.02
CA PRO A 108 -9.55 -10.14 0.19
C PRO A 108 -8.22 -10.76 -0.22
N PHE A 109 -7.28 -10.80 0.70
CA PHE A 109 -5.95 -11.27 0.37
C PHE A 109 -5.60 -12.34 1.36
N GLN A 110 -4.60 -13.16 1.07
CA GLN A 110 -4.09 -13.97 2.18
C GLN A 110 -2.89 -13.32 2.87
N PRO A 111 -2.77 -13.51 4.22
CA PRO A 111 -1.67 -12.80 4.94
C PRO A 111 -0.22 -13.04 4.42
N SER A 112 0.13 -14.25 3.96
CA SER A 112 1.52 -14.50 3.39
C SER A 112 1.96 -13.54 2.25
N ARG A 113 1.00 -13.09 1.46
CA ARG A 113 1.27 -12.18 0.34
C ARG A 113 1.70 -10.79 0.87
N VAL A 114 1.13 -10.39 2.03
CA VAL A 114 1.58 -9.13 2.69
C VAL A 114 3.04 -9.26 3.13
N VAL A 115 3.36 -10.38 3.79
CA VAL A 115 4.71 -10.66 4.22
C VAL A 115 5.74 -10.63 3.09
N GLU A 116 5.43 -11.25 1.98
CA GLU A 116 6.40 -11.28 0.88
C GLU A 116 6.58 -9.89 0.26
N ALA A 117 5.51 -9.11 0.27
CA ALA A 117 5.52 -7.76 -0.28
C ALA A 117 6.42 -6.90 0.60
N LEU A 118 6.28 -6.99 1.95
CA LEU A 118 7.16 -6.28 2.88
C LEU A 118 8.64 -6.64 2.63
N ASN A 119 8.89 -7.92 2.46
CA ASN A 119 10.26 -8.40 2.20
C ASN A 119 10.80 -7.81 0.90
N LYS A 120 9.96 -7.85 -0.13
CA LYS A 120 10.35 -7.48 -1.49
C LYS A 120 10.84 -6.03 -1.49
N VAL A 121 10.21 -5.15 -0.70
CA VAL A 121 10.62 -3.73 -0.75
C VAL A 121 11.85 -3.33 0.10
N ASP B 3 -14.74 -6.32 -12.78
CA ASP B 3 -13.54 -6.66 -13.63
C ASP B 3 -12.22 -6.70 -12.81
N VAL B 4 -12.23 -7.45 -11.69
CA VAL B 4 -11.11 -7.47 -10.73
C VAL B 4 -10.20 -8.65 -11.02
N LEU B 5 -8.90 -8.39 -11.12
CA LEU B 5 -7.91 -9.42 -11.40
C LEU B 5 -7.55 -10.29 -10.18
N SER B 6 -7.00 -11.47 -10.48
CA SER B 6 -6.48 -12.40 -9.49
C SER B 6 -5.06 -11.99 -9.06
N GLN B 7 -4.57 -12.52 -7.95
CA GLN B 7 -3.25 -12.10 -7.50
C GLN B 7 -2.15 -12.66 -8.41
N GLU B 8 -2.33 -13.91 -8.87
CA GLU B 8 -1.44 -14.38 -9.91
C GLU B 8 -1.51 -13.40 -11.14
N GLU B 9 -2.72 -13.04 -11.60
CA GLU B 9 -2.96 -12.02 -12.70
C GLU B 9 -2.11 -10.74 -12.41
N ILE B 10 -2.05 -10.36 -11.13
CA ILE B 10 -1.40 -9.11 -10.71
C ILE B 10 0.08 -9.31 -10.64
N ASN B 11 0.53 -10.46 -10.08
CA ASN B 11 1.94 -10.71 -10.01
C ASN B 11 2.53 -10.65 -11.40
N GLN B 12 1.77 -11.24 -12.32
CA GLN B 12 2.07 -11.29 -13.75
C GLN B 12 2.22 -9.88 -14.31
N LEU B 13 1.17 -9.11 -14.11
CA LEU B 13 1.07 -7.70 -14.60
C LEU B 13 2.19 -6.82 -14.06
N ILE B 14 2.52 -7.01 -12.78
CA ILE B 14 3.64 -6.27 -12.17
C ILE B 14 4.97 -6.58 -12.80
N GLU B 15 5.24 -7.87 -13.04
CA GLU B 15 6.47 -8.28 -13.70
C GLU B 15 6.52 -7.65 -15.08
N ALA B 16 5.42 -7.76 -15.84
CA ALA B 16 5.32 -7.12 -17.17
C ALA B 16 5.78 -5.64 -17.12
N LEU B 17 5.41 -4.98 -16.04
CA LEU B 17 5.60 -3.54 -15.88
C LEU B 17 7.03 -3.16 -15.46
N MET B 18 7.89 -4.17 -15.27
CA MET B 18 9.30 -4.00 -14.87
C MET B 18 10.33 -4.64 -15.82
MG MG C . -10.94 2.13 1.55
BE BEF D . -9.83 -0.17 -0.72
F1 BEF D . -9.83 -1.54 -0.49
F2 BEF D . -9.24 0.66 -1.99
F3 BEF D . -10.74 0.82 0.05
#